data_5TJW
#
_entry.id   5TJW
#
_cell.length_a   137.548
_cell.length_b   137.548
_cell.length_c   137.548
_cell.angle_alpha   90.00
_cell.angle_beta   90.00
_cell.angle_gamma   90.00
#
_symmetry.space_group_name_H-M   'P 21 3'
#
loop_
_entity.id
_entity.type
_entity.pdbx_description
1 polymer Nucleoprotein
2 polymer 'NP-specific inhibitory VHH'
#
loop_
_entity_poly.entity_id
_entity_poly.type
_entity_poly.pdbx_seq_one_letter_code
_entity_poly.pdbx_strand_id
1 'polypeptide(L)'
;MATKGTKRSYEQMETDGERQNATEIRASVGKMIDGIGRFYIQMCTELKLSDYEGRLIQNSLTIERMVLSAFDERRNKYLE
EHPSAGKDPKKTGGPIYRRVDGKWRRELILYDKEEIRRIWRQANNGDDATAGLTHMMIWHSNLNDATYQRTRALVRTGMD
PRMCSLMQGSTLPRRSGAAGAAVKGVGTMVMELIRMIKRGINDRNFWRGENGRRTRIAYERMCNILKGKFQTAAQRTMVD
QVRESRNPGNAEFEDLIFLARSALILRGSVAHKSCLPACVYGSAVASGYDFEREGYSLVGIDPFRLLQNSQVYSLIRPNE
NPAHKSQLVWMACHSAAFEDLRVSSFIRGTKVVPRGKLSTRGVQIASNENMETMESSTLELRSRYWAIRTRSGGNTNQQR
ASSGQISIQPTFSVQRNLPFDRPTIMAAFTGNTEGRTSDMRTEIIRLMESARPEDVSFQGRGVFELSDEKATSPIVPSFD
MSNEGSYFFGDNAEEYDNGLEHHHHHH
;
A
2 'polypeptide(L)'
;QVQLQESGGGLVQAGGSLRLTCALSERTSTSYAQGWFRQPPGKEREFVASLRTHDGNTHYTDSVKGRFTISRDNAENTLY
LQMNSLKTEDTAVYYCAASLGYSGAYASGYDYWGQGTQVTVSSGGLPETGGHHHHHH
;
K
#
# COMPACT_ATOMS: atom_id res chain seq x y z
N ASN A 21 -13.12 9.86 25.82
CA ASN A 21 -14.32 9.85 25.01
C ASN A 21 -13.98 9.64 23.53
N ALA A 22 -14.12 8.41 23.06
CA ALA A 22 -13.80 8.07 21.68
C ALA A 22 -14.99 8.14 20.74
N THR A 23 -16.21 8.24 21.28
CA THR A 23 -17.40 8.23 20.43
C THR A 23 -17.49 9.48 19.57
N GLU A 24 -17.00 10.62 20.05
CA GLU A 24 -17.04 11.85 19.28
C GLU A 24 -16.19 11.75 18.01
N ILE A 25 -14.90 11.49 18.18
CA ILE A 25 -14.00 11.38 17.03
C ILE A 25 -14.35 10.18 16.17
N ARG A 26 -14.82 9.09 16.78
CA ARG A 26 -15.26 7.94 16.00
C ARG A 26 -16.44 8.32 15.11
N ALA A 27 -17.38 9.13 15.63
CA ALA A 27 -18.51 9.58 14.83
C ALA A 27 -18.08 10.54 13.73
N SER A 28 -17.09 11.39 14.02
CA SER A 28 -16.60 12.31 12.99
C SER A 28 -15.95 11.55 11.83
N VAL A 29 -15.03 10.63 12.16
CA VAL A 29 -14.42 9.80 11.12
C VAL A 29 -15.49 9.03 10.36
N GLY A 30 -16.49 8.50 11.06
CA GLY A 30 -17.59 7.82 10.40
C GLY A 30 -18.31 8.72 9.41
N LYS A 31 -18.55 9.98 9.79
CA LYS A 31 -19.22 10.91 8.89
C LYS A 31 -18.35 11.19 7.67
N MET A 32 -17.03 11.29 7.85
CA MET A 32 -16.12 11.42 6.72
C MET A 32 -16.27 10.26 5.75
N ILE A 33 -16.17 9.03 6.27
CA ILE A 33 -16.24 7.85 5.41
C ILE A 33 -17.60 7.78 4.71
N ASP A 34 -18.67 8.15 5.40
CA ASP A 34 -19.98 8.18 4.75
C ASP A 34 -20.02 9.21 3.63
N GLY A 35 -19.38 10.37 3.83
CA GLY A 35 -19.29 11.34 2.76
C GLY A 35 -18.62 10.77 1.53
N ILE A 36 -17.45 10.14 1.72
CA ILE A 36 -16.75 9.52 0.59
C ILE A 36 -17.63 8.45 -0.06
N GLY A 37 -18.37 7.70 0.76
CA GLY A 37 -19.19 6.61 0.26
C GLY A 37 -20.34 7.07 -0.61
N ARG A 38 -21.24 7.90 -0.05
CA ARG A 38 -22.33 8.45 -0.83
C ARG A 38 -21.83 9.18 -2.06
N PHE A 39 -20.67 9.85 -1.93
CA PHE A 39 -20.09 10.52 -3.09
C PHE A 39 -19.73 9.52 -4.17
N TYR A 40 -19.10 8.40 -3.80
CA TYR A 40 -18.70 7.41 -4.79
C TYR A 40 -19.90 6.73 -5.42
N ILE A 41 -20.98 6.55 -4.67
CA ILE A 41 -22.21 6.00 -5.24
C ILE A 41 -22.78 6.96 -6.28
N GLN A 42 -22.95 8.23 -5.89
CA GLN A 42 -23.43 9.25 -6.82
C GLN A 42 -22.57 9.30 -8.08
N MET A 43 -21.24 9.21 -7.92
CA MET A 43 -20.36 9.23 -9.07
C MET A 43 -20.55 8.00 -9.94
N CYS A 44 -20.69 6.82 -9.33
CA CYS A 44 -20.97 5.62 -10.11
C CYS A 44 -22.28 5.74 -10.88
N THR A 45 -23.22 6.54 -10.36
CA THR A 45 -24.44 6.79 -11.12
C THR A 45 -24.21 7.79 -12.25
N GLU A 46 -23.40 8.83 -12.01
CA GLU A 46 -23.14 9.82 -13.04
C GLU A 46 -22.48 9.18 -14.27
N LEU A 47 -21.48 8.32 -14.06
CA LEU A 47 -20.91 7.59 -15.19
C LEU A 47 -21.84 6.51 -15.73
N LYS A 48 -22.73 5.97 -14.89
CA LYS A 48 -23.56 4.81 -15.23
C LYS A 48 -22.69 3.56 -15.43
N LEU A 49 -22.01 3.19 -14.35
CA LEU A 49 -21.14 2.03 -14.35
C LEU A 49 -21.89 0.81 -13.83
N SER A 50 -21.54 -0.35 -14.36
CA SER A 50 -22.09 -1.60 -13.87
C SER A 50 -21.56 -1.89 -12.48
N ASP A 51 -22.17 -2.89 -11.82
CA ASP A 51 -21.74 -3.26 -10.49
C ASP A 51 -20.30 -3.78 -10.50
N TYR A 52 -19.85 -4.34 -11.62
CA TYR A 52 -18.47 -4.80 -11.73
C TYR A 52 -17.53 -3.63 -11.99
N GLU A 53 -17.89 -2.75 -12.93
CA GLU A 53 -17.02 -1.64 -13.28
C GLU A 53 -16.87 -0.66 -12.13
N GLY A 54 -17.88 -0.54 -11.27
CA GLY A 54 -17.78 0.32 -10.10
C GLY A 54 -16.87 -0.23 -9.02
N ARG A 55 -16.69 -1.55 -8.98
CA ARG A 55 -15.79 -2.18 -8.02
C ARG A 55 -14.39 -2.37 -8.56
N LEU A 56 -14.14 -2.02 -9.82
CA LEU A 56 -12.79 -2.03 -10.35
C LEU A 56 -12.00 -0.88 -9.73
N ILE A 57 -10.87 -1.23 -9.09
CA ILE A 57 -10.11 -0.23 -8.34
C ILE A 57 -9.52 0.84 -9.24
N GLN A 58 -9.29 0.54 -10.53
CA GLN A 58 -8.71 1.52 -11.42
C GLN A 58 -9.65 2.72 -11.61
N ASN A 59 -10.93 2.44 -11.90
CA ASN A 59 -11.91 3.50 -12.02
C ASN A 59 -12.03 4.29 -10.73
N SER A 60 -11.92 3.60 -9.59
CA SER A 60 -11.93 4.29 -8.30
C SER A 60 -10.77 5.28 -8.20
N LEU A 61 -9.58 4.85 -8.63
CA LEU A 61 -8.44 5.76 -8.64
C LEU A 61 -8.70 6.96 -9.54
N THR A 62 -9.29 6.74 -10.71
CA THR A 62 -9.61 7.84 -11.60
C THR A 62 -10.56 8.83 -10.94
N ILE A 63 -11.60 8.32 -10.29
CA ILE A 63 -12.59 9.18 -9.64
C ILE A 63 -11.93 9.99 -8.53
N GLU A 64 -11.30 9.31 -7.57
CA GLU A 64 -10.62 10.00 -6.47
C GLU A 64 -9.66 11.05 -6.99
N ARG A 65 -8.88 10.71 -8.03
CA ARG A 65 -7.94 11.67 -8.60
C ARG A 65 -8.67 12.89 -9.17
N MET A 66 -9.84 12.66 -9.79
CA MET A 66 -10.61 13.79 -10.30
C MET A 66 -11.08 14.70 -9.17
N VAL A 67 -11.51 14.12 -8.04
CA VAL A 67 -11.98 14.93 -6.92
C VAL A 67 -10.83 15.73 -6.33
N LEU A 68 -9.67 15.10 -6.13
CA LEU A 68 -8.54 15.83 -5.57
C LEU A 68 -8.05 16.91 -6.51
N SER A 69 -8.12 16.66 -7.82
CA SER A 69 -7.70 17.67 -8.78
C SER A 69 -8.69 18.82 -8.85
N ALA A 70 -9.98 18.56 -8.61
CA ALA A 70 -10.98 19.62 -8.65
C ALA A 70 -10.82 20.58 -7.48
N PHE A 71 -10.68 20.05 -6.27
CA PHE A 71 -10.51 20.86 -5.06
C PHE A 71 -9.08 21.36 -4.89
N ASP A 72 -8.29 21.37 -5.96
CA ASP A 72 -6.87 21.73 -5.87
C ASP A 72 -6.72 23.21 -6.20
N GLU A 73 -7.08 24.05 -5.23
CA GLU A 73 -7.24 25.48 -5.50
C GLU A 73 -5.90 26.16 -5.78
N ARG A 74 -4.80 25.65 -5.21
CA ARG A 74 -3.50 26.22 -5.54
C ARG A 74 -3.09 25.86 -6.97
N ARG A 75 -3.31 24.60 -7.34
CA ARG A 75 -3.02 24.16 -8.72
C ARG A 75 -3.92 24.88 -9.71
N ASN A 76 -5.21 25.00 -9.41
CA ASN A 76 -6.11 25.68 -10.34
C ASN A 76 -5.80 27.17 -10.42
N LYS A 77 -5.42 27.78 -9.30
CA LYS A 77 -5.06 29.20 -9.31
C LYS A 77 -3.75 29.44 -10.06
N TYR A 78 -2.84 28.47 -10.05
CA TYR A 78 -1.61 28.57 -10.81
C TYR A 78 -1.73 28.09 -12.25
N LEU A 79 -2.85 27.42 -12.59
CA LEU A 79 -3.09 26.92 -13.94
C LEU A 79 -4.04 27.79 -14.74
N GLU A 80 -4.86 28.61 -14.08
CA GLU A 80 -5.72 29.54 -14.81
C GLU A 80 -4.90 30.65 -15.46
N GLU A 81 -3.97 31.24 -14.70
CA GLU A 81 -3.14 32.31 -15.24
C GLU A 81 -2.07 31.77 -16.19
N HIS A 82 -1.58 30.56 -15.94
CA HIS A 82 -0.56 29.93 -16.78
C HIS A 82 -1.03 28.52 -17.10
N PRO A 83 -1.68 28.30 -18.24
CA PRO A 83 -2.31 27.00 -18.50
C PRO A 83 -1.31 25.97 -19.00
N SER A 84 -1.48 24.75 -18.52
CA SER A 84 -0.74 23.62 -19.08
C SER A 84 -1.23 23.35 -20.50
N ALA A 85 -0.30 22.97 -21.37
CA ALA A 85 -0.64 22.76 -22.78
C ALA A 85 -1.60 21.62 -22.99
N GLY A 86 -1.76 20.74 -21.99
CA GLY A 86 -2.64 19.59 -22.12
C GLY A 86 -4.10 19.92 -22.33
N LYS A 87 -4.73 20.58 -21.36
CA LYS A 87 -6.16 20.81 -21.42
C LYS A 87 -6.50 22.08 -20.64
N ASP A 88 -7.75 22.52 -20.81
CA ASP A 88 -8.24 23.72 -20.14
C ASP A 88 -8.26 23.52 -18.63
N PRO A 89 -7.97 24.56 -17.83
CA PRO A 89 -7.90 24.37 -16.38
C PRO A 89 -9.23 24.07 -15.71
N LYS A 90 -10.34 24.52 -16.28
CA LYS A 90 -11.63 24.34 -15.62
C LYS A 90 -12.07 22.87 -15.59
N LYS A 91 -11.45 22.02 -16.40
CA LYS A 91 -11.88 20.63 -16.54
C LYS A 91 -10.77 19.69 -16.09
N THR A 92 -11.13 18.71 -15.26
CA THR A 92 -10.26 17.61 -14.91
C THR A 92 -10.80 16.32 -15.50
N GLY A 93 -9.93 15.32 -15.62
CA GLY A 93 -10.35 14.08 -16.24
C GLY A 93 -9.39 12.95 -15.95
N GLY A 94 -9.75 11.78 -16.45
CA GLY A 94 -8.97 10.58 -16.28
C GLY A 94 -9.58 9.40 -17.00
N PRO A 95 -8.79 8.34 -17.21
CA PRO A 95 -9.30 7.18 -17.95
C PRO A 95 -10.27 6.37 -17.11
N ILE A 96 -11.43 6.06 -17.68
CA ILE A 96 -12.42 5.15 -17.09
C ILE A 96 -12.41 3.87 -17.92
N TYR A 97 -12.27 2.74 -17.24
CA TYR A 97 -12.16 1.44 -17.89
C TYR A 97 -13.53 0.77 -17.90
N ARG A 98 -14.13 0.70 -19.07
CA ARG A 98 -15.44 0.10 -19.26
C ARG A 98 -15.31 -1.22 -20.00
N ARG A 99 -16.21 -2.16 -19.71
CA ARG A 99 -16.20 -3.48 -20.35
C ARG A 99 -17.60 -3.80 -20.85
N VAL A 100 -17.76 -3.85 -22.18
CA VAL A 100 -18.95 -4.40 -22.81
C VAL A 100 -18.61 -5.82 -23.26
N ASP A 101 -19.63 -6.69 -23.30
CA ASP A 101 -19.46 -8.07 -23.75
C ASP A 101 -18.35 -8.77 -22.96
N GLY A 102 -17.19 -8.97 -23.59
CA GLY A 102 -16.01 -9.45 -22.90
C GLY A 102 -14.81 -8.53 -23.03
N LYS A 103 -14.83 -7.67 -24.05
CA LYS A 103 -13.69 -6.80 -24.31
C LYS A 103 -13.67 -5.63 -23.35
N TRP A 104 -12.47 -5.28 -22.89
CA TRP A 104 -12.24 -4.07 -22.11
C TRP A 104 -11.98 -2.91 -23.05
N ARG A 105 -12.62 -1.77 -22.79
CA ARG A 105 -12.41 -0.56 -23.56
C ARG A 105 -12.17 0.61 -22.63
N ARG A 106 -11.05 1.29 -22.83
CA ARG A 106 -10.64 2.42 -22.00
C ARG A 106 -11.07 3.71 -22.68
N GLU A 107 -11.89 4.51 -22.00
CA GLU A 107 -12.36 5.78 -22.52
C GLU A 107 -11.84 6.92 -21.64
N LEU A 108 -11.38 7.98 -22.29
CA LEU A 108 -10.92 9.18 -21.60
C LEU A 108 -12.10 10.11 -21.39
N ILE A 109 -12.41 10.42 -20.13
CA ILE A 109 -13.55 11.25 -19.78
C ILE A 109 -13.04 12.58 -19.22
N LEU A 110 -13.84 13.62 -19.41
CA LEU A 110 -13.53 14.96 -18.93
C LEU A 110 -14.77 15.54 -18.25
N TYR A 111 -14.57 16.10 -17.05
CA TYR A 111 -15.66 16.74 -16.31
C TYR A 111 -15.16 18.06 -15.74
N ASP A 112 -16.08 19.01 -15.61
CA ASP A 112 -15.75 20.30 -15.05
C ASP A 112 -15.34 20.16 -13.58
N LYS A 113 -14.32 20.91 -13.18
CA LYS A 113 -13.88 20.87 -11.79
C LYS A 113 -14.97 21.39 -10.85
N GLU A 114 -15.72 22.40 -11.29
CA GLU A 114 -16.81 22.93 -10.48
C GLU A 114 -17.93 21.90 -10.30
N GLU A 115 -18.15 21.06 -11.30
CA GLU A 115 -19.19 20.03 -11.17
C GLU A 115 -18.81 19.01 -10.11
N ILE A 116 -17.58 18.49 -10.17
CA ILE A 116 -17.11 17.55 -9.16
C ILE A 116 -17.12 18.21 -7.78
N ARG A 117 -16.74 19.48 -7.71
CA ARG A 117 -16.84 20.24 -6.47
C ARG A 117 -18.26 20.19 -5.92
N ARG A 118 -19.24 20.55 -6.76
CA ARG A 118 -20.63 20.58 -6.32
C ARG A 118 -21.10 19.21 -5.85
N ILE A 119 -20.75 18.15 -6.58
CA ILE A 119 -21.19 16.81 -6.21
C ILE A 119 -20.58 16.41 -4.87
N TRP A 120 -19.30 16.72 -4.65
CA TRP A 120 -18.68 16.42 -3.37
C TRP A 120 -19.38 17.14 -2.23
N ARG A 121 -19.64 18.43 -2.39
CA ARG A 121 -20.34 19.18 -1.36
C ARG A 121 -21.71 18.58 -1.08
N GLN A 122 -22.48 18.28 -2.14
CA GLN A 122 -23.80 17.68 -1.96
C GLN A 122 -23.73 16.35 -1.23
N ALA A 123 -22.67 15.57 -1.48
CA ALA A 123 -22.50 14.31 -0.77
C ALA A 123 -22.07 14.49 0.68
N ASN A 124 -21.46 15.63 1.01
CA ASN A 124 -21.07 15.86 2.40
C ASN A 124 -21.88 16.98 3.05
N ASN A 125 -23.20 16.90 2.98
CA ASN A 125 -24.12 17.82 3.64
C ASN A 125 -23.91 19.27 3.24
N GLY A 126 -23.27 19.52 2.09
CA GLY A 126 -23.02 20.88 1.65
C GLY A 126 -21.71 21.48 2.09
N ASP A 127 -20.94 20.77 2.91
CA ASP A 127 -19.68 21.29 3.44
C ASP A 127 -18.53 20.99 2.48
N ASP A 128 -17.44 21.75 2.63
CA ASP A 128 -16.21 21.43 1.90
C ASP A 128 -15.68 20.07 2.32
N ALA A 129 -15.60 19.83 3.62
CA ALA A 129 -15.23 18.54 4.19
C ALA A 129 -13.90 18.05 3.61
N THR A 130 -12.85 18.84 3.84
CA THR A 130 -11.53 18.51 3.32
C THR A 130 -10.94 17.27 3.97
N ALA A 131 -11.51 16.82 5.09
CA ALA A 131 -10.98 15.65 5.78
C ALA A 131 -11.01 14.42 4.89
N GLY A 132 -12.12 14.20 4.18
CA GLY A 132 -12.19 13.08 3.27
C GLY A 132 -11.22 13.21 2.11
N LEU A 133 -11.04 14.43 1.62
CA LEU A 133 -10.05 14.67 0.57
C LEU A 133 -8.66 14.25 1.03
N THR A 134 -8.25 14.69 2.23
CA THR A 134 -6.96 14.28 2.76
C THR A 134 -6.90 12.78 3.00
N HIS A 135 -8.04 12.17 3.34
CA HIS A 135 -8.09 10.71 3.48
C HIS A 135 -7.73 10.02 2.17
N MET A 136 -8.38 10.43 1.08
CA MET A 136 -8.06 9.85 -0.22
C MET A 136 -6.63 10.15 -0.63
N MET A 137 -6.10 11.31 -0.23
CA MET A 137 -4.69 11.62 -0.51
C MET A 137 -3.76 10.65 0.22
N ILE A 138 -4.08 10.31 1.47
CA ILE A 138 -3.25 9.38 2.23
C ILE A 138 -3.37 7.98 1.64
N TRP A 139 -4.54 7.60 1.15
CA TRP A 139 -4.68 6.33 0.45
C TRP A 139 -3.78 6.30 -0.78
N HIS A 140 -3.84 7.36 -1.60
CA HIS A 140 -2.90 7.49 -2.72
C HIS A 140 -1.46 7.36 -2.25
N SER A 141 -1.15 7.92 -1.07
CA SER A 141 0.19 7.83 -0.52
C SER A 141 0.58 6.38 -0.29
N ASN A 142 -0.18 5.66 0.53
CA ASN A 142 0.19 4.29 0.88
C ASN A 142 0.31 3.43 -0.37
N LEU A 143 -0.57 3.65 -1.36
CA LEU A 143 -0.43 2.91 -2.61
C LEU A 143 0.87 3.26 -3.32
N ASN A 144 1.22 4.54 -3.38
CA ASN A 144 2.42 4.95 -4.10
C ASN A 144 3.69 4.48 -3.40
N ASP A 145 3.69 4.52 -2.06
CA ASP A 145 4.82 4.02 -1.29
C ASP A 145 4.97 2.52 -1.47
N ALA A 146 3.84 1.79 -1.50
CA ALA A 146 3.91 0.35 -1.72
C ALA A 146 4.25 -0.02 -3.15
N THR A 147 4.12 0.91 -4.09
CA THR A 147 4.34 0.60 -5.50
C THR A 147 5.73 1.01 -6.00
N TYR A 148 6.20 2.21 -5.64
CA TYR A 148 7.47 2.72 -6.15
C TYR A 148 8.34 3.21 -5.00
N GLN A 149 9.61 2.82 -5.00
CA GLN A 149 10.63 3.45 -4.16
C GLN A 149 11.36 4.45 -5.04
N ARG A 150 11.19 5.74 -4.74
CA ARG A 150 11.67 6.82 -5.60
C ARG A 150 13.17 7.00 -5.38
N THR A 151 13.95 6.14 -6.05
CA THR A 151 15.41 6.27 -6.00
C THR A 151 15.87 7.54 -6.71
N ARG A 152 15.15 7.96 -7.76
CA ARG A 152 15.53 9.15 -8.51
C ARG A 152 15.50 10.40 -7.62
N ALA A 153 14.41 10.59 -6.89
CA ALA A 153 14.31 11.75 -6.01
C ALA A 153 15.34 11.69 -4.89
N LEU A 154 15.68 10.50 -4.43
CA LEU A 154 16.64 10.37 -3.33
C LEU A 154 18.05 10.67 -3.81
N VAL A 155 18.42 10.25 -5.01
CA VAL A 155 19.76 10.56 -5.50
C VAL A 155 19.85 12.02 -5.96
N ARG A 156 18.76 12.56 -6.52
CA ARG A 156 18.80 13.96 -6.94
C ARG A 156 18.79 14.90 -5.75
N THR A 157 18.07 14.55 -4.69
CA THR A 157 18.00 15.38 -3.49
C THR A 157 19.23 15.23 -2.60
N GLY A 158 20.09 14.25 -2.87
CA GLY A 158 21.29 14.05 -2.09
C GLY A 158 21.19 13.00 -1.00
N MET A 159 20.17 12.15 -1.04
CA MET A 159 19.94 11.15 -0.01
C MET A 159 20.29 9.76 -0.53
N ASP A 160 20.31 8.80 0.38
CA ASP A 160 20.64 7.41 0.09
C ASP A 160 19.42 6.67 -0.41
N PRO A 161 19.50 5.97 -1.55
CA PRO A 161 18.35 5.17 -2.01
C PRO A 161 17.93 4.09 -1.02
N ARG A 162 18.78 3.76 -0.06
CA ARG A 162 18.50 2.75 0.95
C ARG A 162 17.71 3.30 2.14
N MET A 163 17.18 4.53 2.02
CA MET A 163 16.46 5.16 3.12
C MET A 163 14.96 5.25 2.85
N CYS A 164 14.45 4.46 1.89
CA CYS A 164 13.03 4.52 1.57
C CYS A 164 12.14 4.15 2.75
N SER A 165 12.69 3.46 3.76
CA SER A 165 11.93 3.18 4.97
C SER A 165 11.44 4.45 5.65
N LEU A 166 12.11 5.58 5.44
CA LEU A 166 11.73 6.85 6.03
C LEU A 166 10.93 7.73 5.08
N MET A 167 10.62 7.23 3.89
CA MET A 167 10.05 8.03 2.80
C MET A 167 8.54 7.88 2.72
N GLN A 168 7.85 7.76 3.85
CA GLN A 168 6.39 7.70 3.84
C GLN A 168 5.81 9.08 3.54
N GLY A 169 4.87 9.14 2.60
CA GLY A 169 4.25 10.39 2.26
C GLY A 169 5.09 11.31 1.40
N SER A 170 6.02 10.75 0.62
CA SER A 170 6.83 11.56 -0.27
C SER A 170 5.98 12.18 -1.37
N THR A 171 4.98 11.44 -1.84
CA THR A 171 4.11 11.94 -2.91
C THR A 171 3.08 12.93 -2.38
N LEU A 172 2.78 12.89 -1.09
CA LEU A 172 1.87 13.85 -0.48
C LEU A 172 2.30 15.28 -0.77
N PRO A 173 1.35 16.17 -1.06
CA PRO A 173 1.67 17.59 -1.03
C PRO A 173 1.83 18.09 0.39
N ARG A 174 2.69 19.09 0.54
CA ARG A 174 2.76 19.88 1.77
C ARG A 174 1.45 20.58 2.10
N ARG A 175 0.50 20.60 1.16
CA ARG A 175 -0.80 21.20 1.42
C ARG A 175 -1.60 20.38 2.42
N SER A 176 -1.32 19.07 2.51
CA SER A 176 -2.03 18.21 3.44
C SER A 176 -1.83 18.71 4.86
N GLY A 177 -2.94 18.85 5.59
CA GLY A 177 -2.89 19.42 6.93
C GLY A 177 -2.19 18.53 7.94
N ALA A 178 -2.49 18.76 9.22
CA ALA A 178 -1.88 17.94 10.27
C ALA A 178 -2.21 16.46 10.09
N ALA A 179 -3.40 16.16 9.54
CA ALA A 179 -3.75 14.77 9.28
C ALA A 179 -2.79 14.14 8.28
N GLY A 180 -2.40 14.88 7.24
CA GLY A 180 -1.44 14.36 6.28
C GLY A 180 0.00 14.51 6.74
N ALA A 181 0.29 15.52 7.56
CA ALA A 181 1.65 15.69 8.06
C ALA A 181 2.01 14.63 9.09
N ALA A 182 1.00 14.06 9.77
CA ALA A 182 1.27 13.03 10.76
C ALA A 182 1.70 11.71 10.11
N VAL A 183 1.19 11.42 8.91
CA VAL A 183 1.50 10.16 8.24
C VAL A 183 2.83 10.21 7.50
N LYS A 184 3.44 11.39 7.37
CA LYS A 184 4.74 11.48 6.71
C LYS A 184 5.84 10.93 7.61
N GLY A 185 6.92 10.48 6.98
CA GLY A 185 8.06 9.95 7.69
C GLY A 185 9.16 10.98 7.90
N VAL A 186 10.20 10.56 8.62
CA VAL A 186 11.32 11.45 8.89
C VAL A 186 12.04 11.80 7.59
N GLY A 187 12.27 10.81 6.73
CA GLY A 187 12.97 11.07 5.48
C GLY A 187 12.21 11.99 4.54
N THR A 188 10.88 11.92 4.56
CA THR A 188 10.07 12.81 3.73
C THR A 188 10.21 14.26 4.21
N MET A 189 10.15 14.48 5.52
CA MET A 189 10.35 15.82 6.05
C MET A 189 11.75 16.33 5.78
N VAL A 190 12.75 15.45 5.91
CA VAL A 190 14.13 15.84 5.64
C VAL A 190 14.28 16.25 4.19
N MET A 191 13.72 15.46 3.27
CA MET A 191 13.79 15.80 1.85
C MET A 191 13.09 17.12 1.54
N GLU A 192 11.89 17.29 2.11
CA GLU A 192 11.12 18.51 1.85
C GLU A 192 11.84 19.74 2.37
N LEU A 193 12.51 19.63 3.52
CA LEU A 193 13.31 20.75 4.00
C LEU A 193 14.58 20.93 3.17
N ILE A 194 15.11 19.84 2.62
CA ILE A 194 16.33 19.90 1.84
C ILE A 194 16.09 20.62 0.52
N ARG A 195 14.90 20.45 -0.07
CA ARG A 195 14.56 21.25 -1.24
C ARG A 195 14.56 22.74 -0.92
N MET A 196 14.19 23.09 0.31
CA MET A 196 14.13 24.50 0.70
C MET A 196 15.52 25.07 0.97
N ILE A 197 16.37 24.31 1.69
CA ILE A 197 17.75 24.77 1.92
C ILE A 197 18.51 24.84 0.61
N LYS A 198 18.32 23.84 -0.26
CA LYS A 198 19.02 23.79 -1.54
C LYS A 198 18.48 24.80 -2.54
N ARG A 199 17.23 25.22 -2.38
CA ARG A 199 16.71 26.27 -3.26
C ARG A 199 17.32 27.63 -2.90
N GLY A 200 17.45 27.92 -1.62
CA GLY A 200 18.04 29.16 -1.16
C GLY A 200 19.53 29.28 -1.35
N ILE A 201 20.20 28.22 -1.79
CA ILE A 201 21.63 28.27 -2.04
C ILE A 201 21.95 28.81 -3.43
N ASN A 202 20.97 28.84 -4.34
CA ASN A 202 21.18 29.38 -5.68
C ASN A 202 20.94 30.88 -5.73
N ASP A 203 19.81 31.34 -5.22
CA ASP A 203 19.46 32.76 -5.17
C ASP A 203 19.04 33.12 -3.76
N ARG A 204 18.81 34.41 -3.55
CA ARG A 204 18.39 34.93 -2.25
C ARG A 204 16.87 34.80 -2.13
N ASN A 205 16.42 33.57 -1.88
CA ASN A 205 15.00 33.35 -1.65
C ASN A 205 14.60 33.64 -0.21
N PHE A 206 15.53 33.47 0.73
CA PHE A 206 15.33 33.89 2.12
C PHE A 206 15.44 35.38 2.31
N TRP A 207 15.54 36.14 1.21
CA TRP A 207 15.72 37.59 1.30
C TRP A 207 14.50 38.24 1.97
N ARG A 208 14.64 39.54 2.25
CA ARG A 208 13.61 40.27 2.98
C ARG A 208 12.30 40.36 2.23
N GLY A 209 12.24 39.89 0.97
CA GLY A 209 10.98 39.85 0.24
C GLY A 209 9.92 39.09 1.00
N GLU A 210 8.66 39.44 0.76
CA GLU A 210 7.55 38.79 1.44
C GLU A 210 7.61 37.27 1.28
N ASN A 211 8.09 36.80 0.12
CA ASN A 211 8.34 35.39 -0.08
C ASN A 211 9.28 34.83 0.99
N GLY A 212 10.29 35.63 1.38
CA GLY A 212 11.23 35.16 2.38
C GLY A 212 10.63 35.10 3.78
N ARG A 213 9.86 36.13 4.15
CA ARG A 213 9.26 36.14 5.48
C ARG A 213 8.25 35.01 5.63
N ARG A 214 7.47 34.73 4.58
CA ARG A 214 6.54 33.61 4.64
C ARG A 214 7.28 32.27 4.62
N THR A 215 8.30 32.16 3.77
CA THR A 215 9.07 30.92 3.65
C THR A 215 9.78 30.58 4.96
N ARG A 216 10.18 31.58 5.73
CA ARG A 216 10.78 31.30 7.04
C ARG A 216 9.79 30.62 7.97
N ILE A 217 8.51 31.03 7.91
CA ILE A 217 7.49 30.39 8.73
C ILE A 217 7.22 28.96 8.26
N ALA A 218 7.20 28.76 6.94
CA ALA A 218 7.09 27.39 6.43
C ALA A 218 8.24 26.52 6.92
N TYR A 219 9.46 27.06 6.84
CA TYR A 219 10.66 26.32 7.23
C TYR A 219 10.64 25.97 8.71
N GLU A 220 10.32 26.95 9.56
CA GLU A 220 10.25 26.70 11.00
C GLU A 220 9.15 25.70 11.33
N ARG A 221 8.01 25.80 10.66
CA ARG A 221 6.92 24.84 10.90
C ARG A 221 7.37 23.42 10.58
N MET A 222 7.95 23.22 9.39
CA MET A 222 8.38 21.88 9.00
C MET A 222 9.48 21.37 9.92
N CYS A 223 10.37 22.26 10.39
CA CYS A 223 11.36 21.86 11.37
C CYS A 223 10.70 21.41 12.67
N ASN A 224 9.59 22.06 13.04
CA ASN A 224 8.89 21.66 14.26
C ASN A 224 8.20 20.30 14.10
N ILE A 225 7.65 20.02 12.92
CA ILE A 225 7.08 18.70 12.67
C ILE A 225 8.16 17.64 12.74
N LEU A 226 9.30 17.88 12.08
CA LEU A 226 10.41 16.93 12.14
C LEU A 226 10.87 16.72 13.57
N LYS A 227 10.89 17.79 14.38
CA LYS A 227 11.22 17.64 15.79
C LYS A 227 10.18 16.79 16.51
N GLY A 228 8.92 16.90 16.10
CA GLY A 228 7.88 16.10 16.71
C GLY A 228 7.96 14.63 16.36
N LYS A 229 8.57 14.31 15.20
CA LYS A 229 8.72 12.91 14.81
C LYS A 229 9.65 12.16 15.76
N PHE A 230 10.80 12.74 16.07
CA PHE A 230 11.81 12.06 16.87
C PHE A 230 11.33 11.82 18.29
N GLN A 231 11.79 10.71 18.88
CA GLN A 231 11.45 10.37 20.25
C GLN A 231 12.67 10.26 21.16
N THR A 232 13.82 10.76 20.72
CA THR A 232 15.01 10.85 21.57
C THR A 232 15.42 12.31 21.69
N ALA A 233 16.00 12.66 22.83
CA ALA A 233 16.30 14.06 23.12
C ALA A 233 17.38 14.61 22.18
N ALA A 234 18.43 13.81 21.93
CA ALA A 234 19.55 14.30 21.13
C ALA A 234 19.10 14.70 19.72
N GLN A 235 18.28 13.86 19.09
CA GLN A 235 17.77 14.18 17.76
C GLN A 235 16.99 15.49 17.77
N ARG A 236 16.11 15.66 18.76
CA ARG A 236 15.30 16.87 18.84
C ARG A 236 16.17 18.11 19.00
N THR A 237 17.14 18.06 19.92
CA THR A 237 18.01 19.22 20.14
C THR A 237 18.85 19.52 18.90
N MET A 238 19.27 18.48 18.18
CA MET A 238 20.00 18.71 16.94
C MET A 238 19.13 19.40 15.90
N VAL A 239 17.87 18.99 15.79
CA VAL A 239 16.94 19.70 14.91
C VAL A 239 16.81 21.16 15.35
N ASP A 240 16.77 21.40 16.66
CA ASP A 240 16.70 22.77 17.16
C ASP A 240 17.92 23.58 16.72
N GLN A 241 19.10 22.95 16.76
CA GLN A 241 20.30 23.66 16.30
C GLN A 241 20.28 23.89 14.79
N VAL A 242 19.61 23.02 14.04
CA VAL A 242 19.48 23.24 12.61
C VAL A 242 18.55 24.41 12.32
N ARG A 243 17.46 24.53 13.08
CA ARG A 243 16.49 25.58 12.83
C ARG A 243 17.05 26.98 13.16
N GLU A 244 18.06 27.05 14.03
CA GLU A 244 18.60 28.36 14.42
C GLU A 244 19.24 29.10 13.24
N SER A 245 19.58 28.40 12.17
CA SER A 245 20.24 29.04 11.04
C SER A 245 19.26 29.95 10.30
N ARG A 246 19.56 31.26 10.31
CA ARG A 246 18.75 32.21 9.57
C ARG A 246 18.87 31.99 8.07
N ASN A 247 20.03 31.56 7.60
CA ASN A 247 20.28 31.30 6.18
C ASN A 247 20.98 29.95 6.06
N PRO A 248 20.22 28.87 5.96
CA PRO A 248 20.84 27.53 5.95
C PRO A 248 21.66 27.31 4.68
N GLY A 249 22.78 26.61 4.84
CA GLY A 249 23.68 26.27 3.76
C GLY A 249 23.94 24.78 3.72
N ASN A 250 25.15 24.43 3.27
CA ASN A 250 25.53 23.03 3.17
C ASN A 250 25.64 22.37 4.54
N ALA A 251 25.96 23.15 5.57
CA ALA A 251 26.06 22.59 6.92
C ALA A 251 24.72 22.04 7.37
N GLU A 252 23.67 22.86 7.31
CA GLU A 252 22.35 22.39 7.70
C GLU A 252 21.85 21.28 6.78
N PHE A 253 22.26 21.31 5.51
CA PHE A 253 21.99 20.22 4.58
C PHE A 253 22.50 18.89 5.13
N GLU A 254 23.82 18.81 5.36
CA GLU A 254 24.41 17.58 5.88
C GLU A 254 23.87 17.23 7.26
N ASP A 255 23.44 18.25 8.02
CA ASP A 255 22.82 17.98 9.32
C ASP A 255 21.51 17.22 9.15
N LEU A 256 20.61 17.75 8.31
CA LEU A 256 19.33 17.09 8.09
C LEU A 256 19.52 15.68 7.51
N ILE A 257 20.48 15.52 6.61
CA ILE A 257 20.77 14.18 6.10
C ILE A 257 21.25 13.28 7.24
N PHE A 258 22.04 13.82 8.15
CA PHE A 258 22.49 13.05 9.31
C PHE A 258 21.31 12.61 10.17
N LEU A 259 20.35 13.51 10.39
CA LEU A 259 19.15 13.14 11.14
C LEU A 259 18.40 12.02 10.44
N ALA A 260 18.21 12.15 9.12
CA ALA A 260 17.52 11.11 8.36
C ALA A 260 18.21 9.77 8.52
N ARG A 261 19.53 9.73 8.35
CA ARG A 261 20.25 8.47 8.52
C ARG A 261 20.14 7.95 9.95
N SER A 262 20.03 8.85 10.93
CA SER A 262 19.83 8.39 12.30
C SER A 262 18.44 7.79 12.50
N ALA A 263 17.47 8.20 11.68
CA ALA A 263 16.11 7.68 11.80
C ALA A 263 15.99 6.22 11.35
N LEU A 264 17.05 5.62 10.84
CA LEU A 264 17.02 4.21 10.50
C LEU A 264 17.10 3.32 11.72
N ILE A 265 17.85 3.73 12.74
CA ILE A 265 17.98 2.96 13.98
C ILE A 265 17.10 3.60 15.04
N LEU A 266 17.46 4.81 15.46
CA LEU A 266 16.63 5.59 16.38
C LEU A 266 15.50 6.22 15.58
N ARG A 267 14.47 5.41 15.34
CA ARG A 267 13.38 5.80 14.47
C ARG A 267 12.51 6.86 15.13
N GLY A 268 11.68 7.52 14.32
CA GLY A 268 10.78 8.54 14.80
C GLY A 268 9.34 8.09 14.80
N SER A 269 8.48 8.82 15.52
CA SER A 269 7.07 8.50 15.61
C SER A 269 6.38 8.89 14.31
N VAL A 270 6.02 7.90 13.50
CA VAL A 270 5.33 8.11 12.23
C VAL A 270 3.97 7.43 12.31
N ALA A 271 2.92 8.20 12.01
CA ALA A 271 1.57 7.68 12.08
C ALA A 271 1.28 6.78 10.87
N HIS A 272 0.46 5.75 11.11
CA HIS A 272 0.03 4.84 10.07
C HIS A 272 -1.48 4.65 10.17
N LYS A 273 -2.19 5.06 9.12
CA LYS A 273 -3.65 5.01 9.09
C LYS A 273 -4.10 4.15 7.91
N SER A 274 -4.99 3.20 8.18
CA SER A 274 -5.50 2.31 7.14
C SER A 274 -6.54 3.06 6.32
N CYS A 275 -6.17 3.44 5.10
CA CYS A 275 -7.05 4.17 4.21
C CYS A 275 -7.38 3.30 3.00
N LEU A 276 -8.68 3.13 2.74
CA LEU A 276 -9.19 2.25 1.70
C LEU A 276 -9.62 3.05 0.48
N PRO A 277 -9.67 2.42 -0.70
CA PRO A 277 -10.19 3.12 -1.88
C PRO A 277 -11.65 3.47 -1.71
N ALA A 278 -12.09 4.47 -2.49
CA ALA A 278 -13.45 4.98 -2.34
C ALA A 278 -14.51 3.96 -2.74
N CYS A 279 -14.14 2.92 -3.50
CA CYS A 279 -15.12 1.92 -3.90
C CYS A 279 -15.52 1.03 -2.72
N VAL A 280 -14.62 0.84 -1.76
CA VAL A 280 -14.95 0.04 -0.58
C VAL A 280 -15.95 0.77 0.29
N TYR A 281 -15.63 2.03 0.64
CA TYR A 281 -16.56 2.85 1.42
C TYR A 281 -17.89 3.01 0.68
N GLY A 282 -17.83 3.17 -0.64
CA GLY A 282 -19.05 3.34 -1.42
C GLY A 282 -19.91 2.09 -1.45
N SER A 283 -19.28 0.92 -1.56
CA SER A 283 -20.04 -0.32 -1.52
C SER A 283 -20.60 -0.59 -0.14
N ALA A 284 -19.89 -0.17 0.91
CA ALA A 284 -20.41 -0.31 2.26
C ALA A 284 -21.62 0.60 2.50
N VAL A 285 -21.54 1.84 2.03
CA VAL A 285 -22.65 2.76 2.20
C VAL A 285 -23.84 2.32 1.34
N ALA A 286 -23.58 1.83 0.14
CA ALA A 286 -24.66 1.35 -0.72
C ALA A 286 -25.37 0.15 -0.11
N SER A 287 -24.66 -0.65 0.67
CA SER A 287 -25.28 -1.78 1.36
C SER A 287 -26.10 -1.35 2.57
N GLY A 288 -26.00 -0.08 2.99
CA GLY A 288 -26.79 0.44 4.09
C GLY A 288 -26.00 0.76 5.34
N TYR A 289 -24.69 0.55 5.35
CA TYR A 289 -23.90 0.83 6.54
C TYR A 289 -23.89 2.33 6.83
N ASP A 290 -24.17 2.68 8.08
CA ASP A 290 -24.18 4.07 8.53
C ASP A 290 -23.02 4.26 9.51
N PHE A 291 -21.96 4.93 9.06
CA PHE A 291 -20.73 4.99 9.83
C PHE A 291 -20.76 6.04 10.93
N GLU A 292 -21.67 7.02 10.87
CA GLU A 292 -21.80 7.96 11.98
C GLU A 292 -22.30 7.24 13.23
N ARG A 293 -23.33 6.42 13.09
CA ARG A 293 -23.93 5.75 14.23
C ARG A 293 -23.07 4.58 14.71
N GLU A 294 -22.53 3.80 13.79
CA GLU A 294 -21.73 2.64 14.18
C GLU A 294 -20.33 3.04 14.62
N GLY A 295 -19.74 4.04 13.98
CA GLY A 295 -18.41 4.49 14.32
C GLY A 295 -17.35 3.86 13.43
N TYR A 296 -16.22 4.56 13.33
CA TYR A 296 -15.11 4.09 12.50
C TYR A 296 -13.81 4.70 13.02
N SER A 297 -12.72 3.95 12.87
CA SER A 297 -11.42 4.40 13.34
C SER A 297 -10.34 3.74 12.49
N LEU A 298 -9.41 4.54 11.97
CA LEU A 298 -8.37 4.00 11.10
C LEU A 298 -7.41 3.09 11.84
N VAL A 299 -7.16 3.35 13.13
CA VAL A 299 -6.25 2.52 13.90
C VAL A 299 -6.93 1.29 14.48
N GLY A 300 -8.26 1.22 14.42
CA GLY A 300 -9.00 0.13 15.01
C GLY A 300 -9.18 -1.04 14.06
N ILE A 301 -10.01 -2.00 14.50
CA ILE A 301 -10.24 -3.21 13.73
C ILE A 301 -11.10 -2.93 12.51
N ASP A 302 -11.95 -1.90 12.58
CA ASP A 302 -12.95 -1.61 11.55
C ASP A 302 -12.43 -1.74 10.11
N PRO A 303 -11.32 -1.10 9.71
CA PRO A 303 -10.84 -1.30 8.33
C PRO A 303 -10.67 -2.76 7.96
N PHE A 304 -9.92 -3.52 8.77
CA PHE A 304 -9.82 -4.97 8.58
C PHE A 304 -11.20 -5.58 8.40
N ARG A 305 -12.12 -5.27 9.32
CA ARG A 305 -13.49 -5.76 9.21
C ARG A 305 -14.07 -5.42 7.85
N LEU A 306 -13.99 -4.14 7.46
CA LEU A 306 -14.58 -3.73 6.19
C LEU A 306 -13.92 -4.42 5.01
N LEU A 307 -12.67 -4.84 5.16
CA LEU A 307 -11.99 -5.53 4.07
C LEU A 307 -12.35 -7.01 4.00
N GLN A 308 -12.89 -7.58 5.08
CA GLN A 308 -13.25 -9.00 5.04
C GLN A 308 -14.50 -9.23 4.22
N ASN A 309 -15.44 -8.27 4.23
CA ASN A 309 -16.64 -8.34 3.42
C ASN A 309 -16.57 -7.43 2.20
N SER A 310 -15.36 -7.10 1.75
CA SER A 310 -15.16 -6.21 0.61
C SER A 310 -14.95 -7.02 -0.65
N GLN A 311 -15.64 -6.64 -1.72
CA GLN A 311 -15.55 -7.33 -3.00
C GLN A 311 -15.03 -6.30 -4.01
N VAL A 312 -13.73 -6.37 -4.32
CA VAL A 312 -13.05 -5.38 -5.14
C VAL A 312 -12.30 -6.11 -6.25
N TYR A 313 -12.45 -5.62 -7.48
CA TYR A 313 -11.73 -6.14 -8.63
C TYR A 313 -10.58 -5.21 -9.00
N SER A 314 -9.71 -5.71 -9.89
CA SER A 314 -8.58 -4.94 -10.39
C SER A 314 -8.18 -5.48 -11.74
N LEU A 315 -7.92 -4.57 -12.68
CA LEU A 315 -7.43 -4.98 -13.99
C LEU A 315 -6.07 -5.66 -13.84
N ILE A 316 -5.83 -6.67 -14.66
CA ILE A 316 -4.61 -7.47 -14.57
C ILE A 316 -4.02 -7.63 -15.97
N ARG A 317 -2.71 -7.43 -16.08
CA ARG A 317 -2.01 -7.63 -17.34
C ARG A 317 -1.87 -9.13 -17.60
N PRO A 318 -1.57 -9.53 -18.86
CA PRO A 318 -1.62 -10.95 -19.22
C PRO A 318 -0.87 -11.90 -18.29
N ASN A 319 0.44 -11.74 -18.17
CA ASN A 319 1.27 -12.70 -17.45
C ASN A 319 1.37 -12.40 -15.95
N GLU A 320 0.63 -11.42 -15.45
CA GLU A 320 0.73 -11.07 -14.04
C GLU A 320 0.09 -12.13 -13.15
N ASN A 321 0.51 -12.14 -11.89
CA ASN A 321 -0.06 -13.01 -10.87
C ASN A 321 -1.13 -12.24 -10.11
N PRO A 322 -2.40 -12.65 -10.18
CA PRO A 322 -3.43 -11.90 -9.45
C PRO A 322 -3.23 -11.91 -7.94
N ALA A 323 -2.59 -12.95 -7.41
CA ALA A 323 -2.29 -12.99 -5.97
C ALA A 323 -1.32 -11.88 -5.58
N HIS A 324 -0.33 -11.62 -6.43
CA HIS A 324 0.62 -10.53 -6.15
C HIS A 324 -0.05 -9.17 -6.25
N LYS A 325 -0.99 -9.03 -7.19
CA LYS A 325 -1.79 -7.81 -7.24
C LYS A 325 -2.58 -7.62 -5.95
N SER A 326 -3.23 -8.70 -5.50
CA SER A 326 -3.96 -8.65 -4.24
C SER A 326 -3.05 -8.29 -3.07
N GLN A 327 -1.82 -8.79 -3.07
CA GLN A 327 -0.88 -8.45 -2.01
C GLN A 327 -0.49 -6.98 -2.08
N LEU A 328 -0.28 -6.45 -3.28
CA LEU A 328 0.07 -5.04 -3.43
C LEU A 328 -1.04 -4.14 -2.90
N VAL A 329 -2.29 -4.40 -3.33
CA VAL A 329 -3.41 -3.60 -2.85
C VAL A 329 -3.58 -3.79 -1.35
N TRP A 330 -3.32 -4.98 -0.84
CA TRP A 330 -3.46 -5.23 0.60
C TRP A 330 -2.46 -4.41 1.40
N MET A 331 -1.19 -4.42 0.97
CA MET A 331 -0.18 -3.58 1.62
C MET A 331 -0.52 -2.11 1.50
N ALA A 332 -1.15 -1.71 0.39
CA ALA A 332 -1.55 -0.31 0.24
C ALA A 332 -2.62 0.09 1.25
N CYS A 333 -3.44 -0.86 1.70
CA CYS A 333 -4.55 -0.54 2.59
C CYS A 333 -4.16 -0.45 4.05
N HIS A 334 -2.94 -0.83 4.41
CA HIS A 334 -2.52 -0.82 5.81
C HIS A 334 -1.15 -0.16 6.01
N SER A 335 -0.68 0.60 5.02
CA SER A 335 0.57 1.35 5.10
C SER A 335 1.78 0.45 5.37
N ALA A 336 1.65 -0.86 5.18
CA ALA A 336 2.71 -1.79 5.51
C ALA A 336 3.73 -1.90 4.39
N ALA A 337 4.00 -0.79 3.70
CA ALA A 337 4.94 -0.80 2.59
C ALA A 337 6.36 -1.07 3.07
N PHE A 338 6.71 -0.62 4.27
CA PHE A 338 8.06 -0.77 4.81
C PHE A 338 8.05 -1.63 6.08
N GLU A 339 7.04 -2.49 6.23
CA GLU A 339 6.94 -3.32 7.40
C GLU A 339 7.83 -4.56 7.26
N ASP A 340 7.99 -5.26 8.38
CA ASP A 340 8.65 -6.56 8.38
C ASP A 340 7.78 -7.55 7.60
N LEU A 341 8.35 -8.14 6.54
CA LEU A 341 7.60 -9.08 5.73
C LEU A 341 7.11 -10.26 6.57
N ARG A 342 7.87 -10.64 7.60
CA ARG A 342 7.46 -11.73 8.47
C ARG A 342 6.15 -11.40 9.18
N VAL A 343 6.07 -10.22 9.79
CA VAL A 343 4.88 -9.89 10.57
C VAL A 343 3.69 -9.62 9.65
N SER A 344 3.93 -9.05 8.46
CA SER A 344 2.83 -8.87 7.51
C SER A 344 2.29 -10.23 7.04
N SER A 345 3.20 -11.17 6.78
CA SER A 345 2.76 -12.52 6.43
C SER A 345 1.99 -13.15 7.59
N PHE A 346 2.37 -12.84 8.83
CA PHE A 346 1.65 -13.39 9.97
C PHE A 346 0.27 -12.78 10.10
N ILE A 347 0.13 -11.49 9.80
CA ILE A 347 -1.18 -10.84 9.85
C ILE A 347 -2.09 -11.40 8.76
N ARG A 348 -1.57 -11.51 7.52
CA ARG A 348 -2.41 -11.89 6.40
C ARG A 348 -2.66 -13.38 6.31
N GLY A 349 -1.80 -14.21 6.90
CA GLY A 349 -1.88 -15.64 6.80
C GLY A 349 -1.18 -16.21 5.59
N THR A 350 -1.15 -15.48 4.48
CA THR A 350 -0.40 -15.86 3.30
C THR A 350 0.92 -15.11 3.25
N LYS A 351 1.86 -15.64 2.47
CA LYS A 351 3.20 -15.09 2.40
C LYS A 351 3.19 -13.75 1.68
N VAL A 352 3.70 -12.71 2.34
CA VAL A 352 3.87 -11.40 1.74
C VAL A 352 5.24 -11.37 1.08
N VAL A 353 5.27 -11.40 -0.24
CA VAL A 353 6.49 -11.53 -1.02
C VAL A 353 7.11 -10.16 -1.24
N PRO A 354 8.44 -10.02 -1.21
CA PRO A 354 9.06 -8.71 -1.45
C PRO A 354 8.84 -8.24 -2.89
N ARG A 355 9.12 -6.94 -3.09
CA ARG A 355 8.85 -6.30 -4.37
C ARG A 355 9.64 -6.93 -5.51
N GLY A 356 10.85 -7.43 -5.23
CA GLY A 356 11.67 -7.99 -6.28
C GLY A 356 11.06 -9.23 -6.93
N LYS A 357 10.33 -10.03 -6.15
CA LYS A 357 9.70 -11.24 -6.66
C LYS A 357 8.23 -11.03 -7.03
N LEU A 358 7.71 -9.81 -6.90
CA LEU A 358 6.33 -9.53 -7.29
C LEU A 358 6.20 -9.60 -8.80
N SER A 359 5.45 -10.58 -9.29
CA SER A 359 5.16 -10.71 -10.73
C SER A 359 4.04 -9.76 -11.13
N THR A 360 4.31 -8.46 -10.96
CA THR A 360 3.32 -7.44 -11.23
C THR A 360 4.02 -6.09 -11.38
N ARG A 361 3.27 -5.14 -11.95
CA ARG A 361 3.72 -3.75 -12.00
C ARG A 361 2.70 -2.91 -11.24
N GLY A 362 2.67 -1.60 -11.50
CA GLY A 362 1.75 -0.74 -10.78
C GLY A 362 0.30 -1.11 -11.03
N VAL A 363 -0.54 -0.82 -10.03
CA VAL A 363 -1.97 -1.04 -10.19
C VAL A 363 -2.51 -0.16 -11.31
N GLN A 364 -1.96 1.04 -11.46
CA GLN A 364 -2.35 1.93 -12.54
C GLN A 364 -1.96 1.34 -13.88
N ILE A 365 -2.87 1.44 -14.85
CA ILE A 365 -2.61 0.98 -16.21
C ILE A 365 -2.09 2.16 -17.02
N ALA A 366 -1.00 1.94 -17.75
CA ALA A 366 -0.37 3.02 -18.51
C ALA A 366 -1.30 3.50 -19.63
N SER A 367 -0.98 4.69 -20.14
CA SER A 367 -1.81 5.29 -21.19
C SER A 367 -1.59 4.65 -22.56
N ASN A 368 -0.54 3.85 -22.73
CA ASN A 368 -0.20 3.28 -24.02
C ASN A 368 -0.51 1.79 -24.12
N GLU A 369 -1.02 1.18 -23.05
CA GLU A 369 -1.31 -0.25 -23.07
C GLU A 369 -2.62 -0.53 -23.79
N ASN A 370 -2.64 -1.63 -24.54
CA ASN A 370 -3.83 -2.04 -25.27
C ASN A 370 -4.74 -2.86 -24.36
N MET A 371 -6.05 -2.59 -24.45
CA MET A 371 -7.03 -3.29 -23.64
C MET A 371 -7.48 -4.62 -24.24
N GLU A 372 -6.93 -5.00 -25.40
CA GLU A 372 -7.28 -6.27 -26.00
C GLU A 372 -6.79 -7.44 -25.16
N THR A 373 -5.63 -7.30 -24.52
CA THR A 373 -5.07 -8.33 -23.65
C THR A 373 -5.39 -8.09 -22.17
N MET A 374 -5.98 -6.95 -21.83
CA MET A 374 -6.25 -6.63 -20.44
C MET A 374 -7.43 -7.43 -19.91
N GLU A 375 -7.29 -7.91 -18.68
CA GLU A 375 -8.36 -8.64 -18.00
C GLU A 375 -8.54 -8.07 -16.60
N SER A 376 -9.31 -8.76 -15.75
CA SER A 376 -9.50 -8.32 -14.38
C SER A 376 -9.62 -9.54 -13.49
N SER A 377 -9.49 -9.32 -12.19
CA SER A 377 -9.59 -10.42 -11.22
C SER A 377 -9.99 -9.86 -9.87
N THR A 378 -10.44 -10.76 -9.00
CA THR A 378 -10.85 -10.38 -7.65
C THR A 378 -9.63 -10.16 -6.76
N LEU A 379 -9.73 -9.18 -5.87
CA LEU A 379 -8.65 -8.83 -4.97
C LEU A 379 -8.89 -9.50 -3.62
N GLU A 380 -7.90 -10.29 -3.17
CA GLU A 380 -7.96 -10.96 -1.88
C GLU A 380 -7.40 -10.01 -0.83
N LEU A 381 -8.26 -9.13 -0.32
CA LEU A 381 -7.86 -8.13 0.66
C LEU A 381 -8.14 -8.58 2.09
N ARG A 382 -8.36 -9.88 2.30
CA ARG A 382 -8.63 -10.41 3.62
C ARG A 382 -7.33 -10.74 4.35
N SER A 383 -7.42 -10.80 5.67
CA SER A 383 -6.28 -11.16 6.52
C SER A 383 -6.72 -12.19 7.55
N ARG A 384 -5.79 -13.05 7.96
CA ARG A 384 -6.08 -14.02 8.99
C ARG A 384 -6.37 -13.34 10.33
N TYR A 385 -5.40 -12.57 10.82
CA TYR A 385 -5.53 -11.82 12.06
C TYR A 385 -5.69 -10.34 11.74
N TRP A 386 -5.65 -9.52 12.79
CA TRP A 386 -5.60 -8.08 12.66
C TRP A 386 -4.75 -7.52 13.80
N ALA A 387 -4.24 -6.31 13.60
CA ALA A 387 -3.41 -5.67 14.61
C ALA A 387 -3.64 -4.18 14.58
N ILE A 388 -3.35 -3.54 15.72
CA ILE A 388 -3.54 -2.11 15.87
C ILE A 388 -2.42 -1.38 15.14
N ARG A 389 -2.79 -0.51 14.20
CA ARG A 389 -1.81 0.36 13.56
C ARG A 389 -1.25 1.34 14.57
N THR A 390 0.07 1.56 14.53
CA THR A 390 0.76 2.29 15.56
C THR A 390 1.32 3.61 15.03
N ARG A 391 1.50 4.55 15.95
CA ARG A 391 2.15 5.83 15.68
C ARG A 391 3.61 5.84 16.12
N SER A 392 4.01 4.89 16.96
CA SER A 392 5.34 4.86 17.54
C SER A 392 6.36 4.35 16.53
N GLY A 393 7.64 4.55 16.86
CA GLY A 393 8.71 4.04 16.04
C GLY A 393 9.55 2.98 16.74
N GLY A 394 9.01 2.37 17.78
CA GLY A 394 9.70 1.33 18.51
C GLY A 394 10.33 1.82 19.79
N ASN A 395 11.15 0.94 20.39
CA ASN A 395 11.77 1.21 21.68
C ASN A 395 13.12 1.86 21.46
N THR A 396 13.23 3.14 21.85
CA THR A 396 14.51 3.84 21.97
C THR A 396 14.68 4.18 23.44
N ASN A 397 15.69 3.57 24.09
CA ASN A 397 15.82 3.57 25.55
C ASN A 397 17.27 3.83 25.94
N GLN A 398 17.68 5.09 25.93
CA GLN A 398 19.03 5.46 26.34
C GLN A 398 19.04 6.91 26.82
N GLN A 399 19.54 7.09 28.06
CA GLN A 399 19.81 8.40 28.64
C GLN A 399 20.71 8.24 29.86
N ARG A 400 21.99 7.94 29.65
CA ARG A 400 22.91 7.78 30.77
C ARG A 400 22.97 9.05 31.60
N ALA A 401 23.37 10.17 30.96
CA ALA A 401 23.24 11.49 31.55
C ALA A 401 23.99 11.59 32.88
N SER A 402 25.12 10.88 32.95
CA SER A 402 25.97 10.95 34.12
C SER A 402 26.62 12.32 34.21
N SER A 403 26.63 12.89 35.42
CA SER A 403 27.26 14.17 35.67
C SER A 403 28.57 14.02 36.44
N GLY A 404 29.02 12.79 36.68
CA GLY A 404 30.22 12.58 37.43
C GLY A 404 31.47 12.86 36.61
N GLN A 405 32.50 13.36 37.29
CA GLN A 405 33.79 13.59 36.65
C GLN A 405 34.40 12.27 36.20
N ILE A 406 35.27 12.35 35.20
CA ILE A 406 35.80 11.15 34.57
C ILE A 406 37.32 11.21 34.43
N SER A 407 37.93 12.34 34.77
CA SER A 407 39.38 12.45 34.73
C SER A 407 39.89 12.99 36.06
N ILE A 408 41.16 12.74 36.34
CA ILE A 408 41.81 13.15 37.58
C ILE A 408 42.86 14.21 37.26
N GLN A 409 42.77 15.35 37.94
CA GLN A 409 43.80 16.37 37.83
C GLN A 409 44.69 16.29 39.07
N PRO A 410 45.92 15.78 38.96
CA PRO A 410 46.71 15.51 40.17
C PRO A 410 47.29 16.78 40.76
N THR A 411 47.31 16.81 42.10
CA THR A 411 47.92 17.90 42.85
C THR A 411 49.24 17.50 43.49
N PHE A 412 49.31 16.32 44.10
CA PHE A 412 50.52 15.85 44.75
C PHE A 412 51.37 15.06 43.77
N SER A 413 52.69 15.13 43.95
CA SER A 413 53.65 14.41 43.11
C SER A 413 53.90 13.05 43.75
N VAL A 414 53.04 12.09 43.43
CA VAL A 414 53.11 10.74 43.97
C VAL A 414 53.03 9.75 42.82
N GLN A 415 53.76 8.64 42.93
CA GLN A 415 53.73 7.60 41.91
C GLN A 415 52.37 6.90 41.94
N ARG A 416 51.59 7.10 40.87
CA ARG A 416 50.27 6.47 40.76
C ARG A 416 49.84 6.56 39.31
N ASN A 417 48.78 5.81 38.97
CA ASN A 417 48.14 5.95 37.68
C ASN A 417 47.05 7.01 37.76
N LEU A 418 46.92 7.78 36.69
CA LEU A 418 45.91 8.84 36.64
C LEU A 418 44.67 8.31 35.95
N PRO A 419 43.64 7.92 36.70
CA PRO A 419 42.52 7.19 36.11
C PRO A 419 41.65 8.09 35.23
N PHE A 420 40.99 7.44 34.27
CA PHE A 420 39.98 8.10 33.46
C PHE A 420 39.14 7.04 32.78
N ASP A 421 37.83 7.31 32.66
CA ASP A 421 36.95 6.39 31.95
C ASP A 421 37.24 6.43 30.46
N ARG A 422 38.17 5.58 30.03
CA ARG A 422 38.59 5.59 28.63
C ARG A 422 37.45 5.34 27.64
N PRO A 423 36.53 4.38 27.86
CA PRO A 423 35.46 4.19 26.86
C PRO A 423 34.61 5.43 26.63
N THR A 424 34.18 6.10 27.71
CA THR A 424 33.32 7.27 27.55
C THR A 424 34.05 8.42 26.86
N ILE A 425 35.23 8.78 27.37
CA ILE A 425 35.99 9.90 26.80
C ILE A 425 36.32 9.63 25.34
N MET A 426 36.89 8.46 25.06
CA MET A 426 37.27 8.15 23.68
C MET A 426 36.05 8.06 22.76
N ALA A 427 34.90 7.62 23.30
CA ALA A 427 33.68 7.58 22.51
C ALA A 427 33.10 8.97 22.28
N ALA A 428 33.49 9.96 23.09
CA ALA A 428 33.04 11.32 22.89
C ALA A 428 33.75 12.03 21.76
N PHE A 429 34.82 11.43 21.20
CA PHE A 429 35.57 12.04 20.11
C PHE A 429 35.17 11.51 18.74
N THR A 430 34.41 10.42 18.67
CA THR A 430 34.00 9.87 17.40
C THR A 430 32.83 10.67 16.82
N GLY A 431 32.86 10.88 15.52
CA GLY A 431 31.81 11.64 14.86
C GLY A 431 31.82 13.12 15.15
N ASN A 432 32.93 13.66 15.62
CA ASN A 432 33.03 15.08 15.90
C ASN A 432 32.91 15.90 14.61
N THR A 433 32.64 17.19 14.79
CA THR A 433 32.34 18.06 13.67
C THR A 433 32.69 19.50 14.08
N GLU A 434 33.04 20.32 13.11
CA GLU A 434 33.36 21.72 13.37
C GLU A 434 32.14 22.63 13.26
N GLY A 435 30.98 22.18 13.72
CA GLY A 435 29.78 22.99 13.70
C GLY A 435 29.05 22.92 15.04
N ARG A 436 28.03 23.76 15.16
CA ARG A 436 27.32 23.89 16.43
C ARG A 436 26.68 22.58 16.88
N THR A 437 26.41 21.67 15.95
CA THR A 437 25.70 20.43 16.28
C THR A 437 26.62 19.28 16.63
N SER A 438 27.94 19.48 16.57
CA SER A 438 28.94 18.44 16.79
C SER A 438 28.55 17.48 17.91
N ASP A 439 28.49 18.02 19.13
CA ASP A 439 28.13 17.24 20.32
C ASP A 439 26.97 16.30 20.04
N MET A 440 25.85 16.85 19.57
CA MET A 440 24.65 16.05 19.36
C MET A 440 24.95 14.88 18.42
N ARG A 441 25.63 15.15 17.30
CA ARG A 441 26.06 14.08 16.41
C ARG A 441 26.68 12.94 17.21
N THR A 442 27.74 13.26 17.95
CA THR A 442 28.40 12.27 18.79
C THR A 442 27.38 11.49 19.62
N GLU A 443 26.56 12.21 20.39
CA GLU A 443 25.59 11.54 21.24
C GLU A 443 24.70 10.61 20.43
N ILE A 444 24.17 11.12 19.30
CA ILE A 444 23.31 10.28 18.47
C ILE A 444 24.08 9.02 18.08
N ILE A 445 25.29 9.19 17.57
CA ILE A 445 26.13 8.04 17.23
C ILE A 445 26.23 7.11 18.41
N ARG A 446 26.60 7.65 19.57
CA ARG A 446 26.72 6.85 20.77
C ARG A 446 25.43 6.09 21.05
N LEU A 447 24.29 6.78 20.95
CA LEU A 447 23.02 6.11 21.17
C LEU A 447 22.81 5.00 20.16
N MET A 448 23.10 5.27 18.89
CA MET A 448 22.95 4.24 17.87
C MET A 448 23.89 3.07 18.12
N GLU A 449 24.97 3.27 18.87
CA GLU A 449 25.86 2.15 19.16
C GLU A 449 25.23 1.20 20.17
N SER A 450 24.35 1.69 21.04
CA SER A 450 23.74 0.83 22.03
C SER A 450 22.65 -0.05 21.43
N ALA A 451 21.96 0.44 20.39
CA ALA A 451 20.88 -0.32 19.78
C ALA A 451 21.44 -1.41 18.87
N ARG A 452 20.78 -2.56 18.90
CA ARG A 452 21.13 -3.73 18.09
C ARG A 452 19.92 -4.16 17.29
N PRO A 453 20.12 -4.89 16.20
CA PRO A 453 18.96 -5.29 15.36
C PRO A 453 17.94 -6.15 16.09
N GLU A 454 18.38 -6.99 17.03
CA GLU A 454 17.47 -7.88 17.74
C GLU A 454 16.79 -7.22 18.93
N ASP A 455 16.96 -5.90 19.12
CA ASP A 455 16.27 -5.21 20.19
C ASP A 455 14.77 -5.25 19.96
N VAL A 456 14.05 -5.91 20.86
CA VAL A 456 12.62 -6.14 20.70
C VAL A 456 11.86 -4.90 21.16
N SER A 457 10.88 -4.48 20.37
CA SER A 457 10.00 -3.37 20.70
C SER A 457 8.57 -3.89 20.83
N PHE A 458 7.68 -3.01 21.31
CA PHE A 458 6.27 -3.34 21.51
C PHE A 458 6.12 -4.58 22.41
N GLN A 459 6.74 -4.52 23.58
CA GLN A 459 6.71 -5.65 24.50
C GLN A 459 5.28 -5.96 24.94
N GLY A 460 4.87 -7.22 24.77
CA GLY A 460 3.56 -7.67 25.16
C GLY A 460 2.49 -7.50 24.11
N ARG A 461 2.72 -6.64 23.12
CA ARG A 461 1.72 -6.40 22.08
C ARG A 461 1.70 -7.56 21.09
N GLY A 462 0.50 -7.99 20.73
CA GLY A 462 0.33 -9.10 19.81
C GLY A 462 -0.79 -8.83 18.82
N VAL A 463 -1.06 -9.84 17.99
CA VAL A 463 -2.12 -9.75 16.99
C VAL A 463 -3.39 -10.35 17.60
N PHE A 464 -4.53 -10.16 16.93
CA PHE A 464 -5.81 -10.58 17.48
C PHE A 464 -6.63 -11.25 16.39
N GLU A 465 -7.51 -12.16 16.81
CA GLU A 465 -8.44 -12.79 15.89
C GLU A 465 -9.48 -11.77 15.42
N LEU A 466 -10.07 -12.05 14.26
CA LEU A 466 -11.04 -11.13 13.68
C LEU A 466 -12.31 -11.05 14.52
N SER A 467 -12.64 -12.11 15.24
CA SER A 467 -13.79 -12.11 16.15
C SER A 467 -13.48 -11.46 17.49
N ASP A 468 -12.31 -10.84 17.62
CA ASP A 468 -11.88 -10.18 18.85
C ASP A 468 -12.01 -8.68 18.62
N GLU A 469 -13.16 -8.11 19.04
CA GLU A 469 -13.44 -6.71 18.78
C GLU A 469 -12.65 -5.77 19.69
N LYS A 470 -12.35 -6.19 20.92
CA LYS A 470 -11.81 -5.29 21.93
C LYS A 470 -10.39 -5.65 22.34
N ALA A 471 -9.68 -6.42 21.51
CA ALA A 471 -8.27 -6.75 21.75
C ALA A 471 -8.06 -7.37 23.13
N THR A 472 -8.81 -8.44 23.40
CA THR A 472 -8.76 -9.07 24.71
C THR A 472 -7.61 -10.07 24.83
N SER A 473 -7.39 -10.85 23.78
CA SER A 473 -6.35 -11.89 23.80
C SER A 473 -5.33 -11.63 22.69
N PRO A 474 -4.10 -11.23 23.02
CA PRO A 474 -3.09 -11.04 21.98
C PRO A 474 -2.41 -12.35 21.62
N ILE A 475 -1.76 -12.33 20.46
CA ILE A 475 -1.02 -13.47 19.94
C ILE A 475 0.37 -12.96 19.54
N VAL A 476 1.37 -13.28 20.36
CA VAL A 476 2.74 -12.85 20.11
C VAL A 476 3.41 -13.93 19.25
N PRO A 477 3.82 -13.61 18.02
CA PRO A 477 4.36 -14.64 17.15
C PRO A 477 5.84 -14.89 17.37
N SER A 478 6.26 -16.10 17.03
CA SER A 478 7.68 -16.48 17.03
C SER A 478 8.14 -16.64 15.59
N PHE A 479 9.24 -15.97 15.25
CA PHE A 479 9.74 -15.95 13.88
C PHE A 479 11.01 -16.79 13.76
N ASP A 480 11.18 -17.39 12.58
CA ASP A 480 12.35 -18.22 12.30
C ASP A 480 13.54 -17.27 12.35
N GLU A 484 11.88 -15.56 6.49
CA GLU A 484 13.05 -15.29 5.69
C GLU A 484 13.33 -13.80 5.72
N GLY A 485 13.65 -13.21 4.58
CA GLY A 485 13.91 -11.79 4.57
C GLY A 485 12.80 -10.89 5.10
N SER A 486 13.20 -9.75 5.66
CA SER A 486 12.27 -8.83 6.30
C SER A 486 12.08 -7.52 5.53
N TYR A 487 12.87 -7.28 4.49
CA TYR A 487 12.85 -6.00 3.78
C TYR A 487 12.05 -6.16 2.48
N PHE A 488 11.08 -5.26 2.29
CA PHE A 488 10.22 -5.33 1.11
C PHE A 488 10.97 -4.95 -0.16
N PHE A 489 12.02 -4.14 -0.05
CA PHE A 489 12.79 -3.67 -1.19
C PHE A 489 14.18 -4.29 -1.16
N GLY A 490 14.40 -5.28 -2.02
CA GLY A 490 15.68 -5.96 -2.18
C GLY A 490 16.24 -6.47 -0.84
N GLN B 1 -24.22 -24.06 -1.13
CA GLN B 1 -24.39 -23.43 -2.43
C GLN B 1 -23.17 -23.63 -3.32
N VAL B 2 -22.71 -24.88 -3.44
CA VAL B 2 -21.62 -25.16 -4.37
C VAL B 2 -22.11 -24.87 -5.78
N GLN B 3 -21.22 -24.34 -6.61
CA GLN B 3 -21.62 -23.76 -7.88
C GLN B 3 -21.25 -24.60 -9.09
N LEU B 4 -20.44 -25.64 -8.93
CA LEU B 4 -19.95 -26.44 -10.05
C LEU B 4 -19.89 -27.89 -9.62
N GLN B 5 -20.71 -28.74 -10.24
CA GLN B 5 -20.61 -30.18 -10.05
C GLN B 5 -19.88 -30.79 -11.24
N GLU B 6 -18.84 -31.56 -10.95
CA GLU B 6 -17.99 -32.16 -11.97
C GLU B 6 -18.09 -33.68 -11.90
N SER B 7 -18.07 -34.32 -13.06
CA SER B 7 -18.20 -35.76 -13.17
C SER B 7 -17.41 -36.25 -14.37
N GLY B 8 -17.46 -37.56 -14.60
CA GLY B 8 -16.79 -38.18 -15.72
C GLY B 8 -15.47 -38.86 -15.38
N GLY B 9 -14.92 -38.58 -14.20
CA GLY B 9 -13.66 -39.18 -13.82
C GLY B 9 -13.78 -40.66 -13.50
N GLY B 10 -12.62 -41.30 -13.34
CA GLY B 10 -12.57 -42.71 -13.00
C GLY B 10 -11.20 -43.34 -13.14
N LEU B 11 -11.15 -44.55 -13.68
CA LEU B 11 -9.92 -45.32 -13.82
C LEU B 11 -9.79 -45.80 -15.24
N VAL B 12 -8.69 -45.44 -15.91
CA VAL B 12 -8.39 -45.88 -17.26
C VAL B 12 -6.93 -46.33 -17.31
N GLN B 13 -6.49 -46.72 -18.50
CA GLN B 13 -5.12 -47.15 -18.71
C GLN B 13 -4.42 -46.20 -19.70
N ALA B 14 -3.09 -46.26 -19.70
CA ALA B 14 -2.30 -45.38 -20.53
C ALA B 14 -2.64 -45.57 -22.01
N GLY B 15 -2.73 -44.45 -22.74
CA GLY B 15 -3.13 -44.47 -24.13
C GLY B 15 -4.61 -44.34 -24.36
N GLY B 16 -5.44 -44.49 -23.32
CA GLY B 16 -6.87 -44.38 -23.46
C GLY B 16 -7.34 -42.94 -23.50
N SER B 17 -8.65 -42.78 -23.35
CA SER B 17 -9.28 -41.47 -23.40
C SER B 17 -10.39 -41.38 -22.37
N LEU B 18 -10.70 -40.15 -21.95
CA LEU B 18 -11.75 -39.88 -20.99
C LEU B 18 -12.38 -38.54 -21.33
N ARG B 19 -13.54 -38.28 -20.73
CA ARG B 19 -14.31 -37.06 -21.00
C ARG B 19 -14.90 -36.57 -19.69
N LEU B 20 -14.35 -35.47 -19.17
CA LEU B 20 -14.84 -34.91 -17.91
C LEU B 20 -15.93 -33.88 -18.18
N THR B 21 -16.98 -33.90 -17.37
CA THR B 21 -18.10 -32.99 -17.52
C THR B 21 -18.28 -32.18 -16.24
N CYS B 22 -18.56 -30.89 -16.42
CA CYS B 22 -18.73 -29.95 -15.32
C CYS B 22 -20.09 -29.27 -15.47
N ALA B 23 -21.03 -29.64 -14.63
CA ALA B 23 -22.31 -28.95 -14.59
C ALA B 23 -22.12 -27.53 -14.05
N LEU B 24 -22.77 -26.57 -14.68
CA LEU B 24 -22.53 -25.16 -14.40
C LEU B 24 -23.80 -24.55 -13.82
N SER B 25 -23.67 -23.87 -12.69
CA SER B 25 -24.80 -23.15 -12.12
C SER B 25 -25.15 -21.95 -12.99
N GLU B 26 -26.32 -21.37 -12.72
CA GLU B 26 -26.79 -20.26 -13.55
C GLU B 26 -25.89 -19.04 -13.41
N ARG B 27 -25.34 -18.81 -12.22
CA ARG B 27 -24.30 -17.80 -12.07
C ARG B 27 -23.10 -18.11 -12.95
N THR B 28 -22.72 -19.39 -13.03
CA THR B 28 -21.49 -19.79 -13.70
C THR B 28 -21.67 -19.94 -15.20
N SER B 29 -22.87 -20.29 -15.65
CA SER B 29 -23.10 -20.48 -17.08
C SER B 29 -22.76 -19.21 -17.86
N THR B 30 -23.10 -18.04 -17.31
CA THR B 30 -22.79 -16.75 -17.92
C THR B 30 -21.70 -16.10 -17.09
N SER B 31 -20.45 -16.44 -17.40
CA SER B 31 -19.29 -15.88 -16.72
C SER B 31 -18.22 -15.57 -17.76
N TYR B 32 -17.20 -14.83 -17.32
CA TYR B 32 -16.11 -14.48 -18.23
C TYR B 32 -15.42 -15.72 -18.77
N ALA B 33 -14.93 -16.59 -17.88
CA ALA B 33 -14.24 -17.78 -18.37
C ALA B 33 -14.47 -18.94 -17.41
N GLN B 34 -14.20 -20.15 -17.91
CA GLN B 34 -14.20 -21.33 -17.06
C GLN B 34 -13.10 -22.28 -17.53
N GLY B 35 -12.39 -22.86 -16.58
CA GLY B 35 -11.29 -23.74 -16.90
C GLY B 35 -11.21 -24.99 -16.05
N TRP B 36 -10.13 -25.73 -16.22
CA TRP B 36 -9.90 -27.00 -15.55
C TRP B 36 -8.51 -26.96 -14.93
N PHE B 37 -8.44 -27.33 -13.65
CA PHE B 37 -7.19 -27.49 -12.93
C PHE B 37 -7.05 -28.94 -12.49
N ARG B 38 -5.81 -29.37 -12.24
CA ARG B 38 -5.56 -30.72 -11.74
C ARG B 38 -4.64 -30.64 -10.53
N GLN B 39 -4.82 -31.57 -9.60
CA GLN B 39 -3.97 -31.71 -8.42
C GLN B 39 -3.36 -33.09 -8.42
N PRO B 40 -2.10 -33.23 -8.80
CA PRO B 40 -1.42 -34.53 -8.71
C PRO B 40 -1.24 -34.93 -7.26
N PRO B 41 -0.89 -36.20 -7.00
CA PRO B 41 -0.71 -36.63 -5.60
C PRO B 41 0.46 -35.91 -4.94
N GLY B 42 0.18 -35.26 -3.81
CA GLY B 42 1.20 -34.58 -3.05
C GLY B 42 1.75 -33.32 -3.68
N LYS B 43 1.18 -32.85 -4.78
CA LYS B 43 1.62 -31.64 -5.44
C LYS B 43 0.54 -30.57 -5.36
N GLU B 44 0.97 -29.31 -5.55
CA GLU B 44 0.02 -28.21 -5.53
C GLU B 44 -0.88 -28.25 -6.77
N ARG B 45 -1.98 -27.51 -6.69
CA ARG B 45 -2.94 -27.47 -7.79
C ARG B 45 -2.35 -26.72 -8.98
N GLU B 46 -2.33 -27.38 -10.13
CA GLU B 46 -1.74 -26.82 -11.34
C GLU B 46 -2.80 -26.66 -12.43
N PHE B 47 -2.47 -25.82 -13.41
CA PHE B 47 -3.39 -25.44 -14.47
C PHE B 47 -3.45 -26.51 -15.55
N VAL B 48 -4.63 -26.65 -16.16
CA VAL B 48 -4.81 -27.59 -17.26
C VAL B 48 -5.33 -26.85 -18.49
N ALA B 49 -6.54 -26.30 -18.42
CA ALA B 49 -7.12 -25.68 -19.59
C ALA B 49 -8.01 -24.51 -19.18
N SER B 50 -8.31 -23.63 -20.14
CA SER B 50 -9.15 -22.48 -19.88
C SER B 50 -9.91 -22.10 -21.15
N LEU B 51 -11.21 -21.83 -20.99
CA LEU B 51 -12.11 -21.50 -22.09
C LEU B 51 -12.77 -20.16 -21.78
N ARG B 52 -12.60 -19.21 -22.70
CA ARG B 52 -13.28 -17.92 -22.64
C ARG B 52 -14.60 -18.01 -23.41
N THR B 53 -15.52 -17.10 -23.08
CA THR B 53 -16.89 -17.20 -23.58
C THR B 53 -17.19 -16.24 -24.73
N HIS B 54 -16.92 -14.95 -24.57
CA HIS B 54 -17.34 -13.98 -25.57
C HIS B 54 -16.69 -14.27 -26.93
N ASP B 55 -15.39 -14.53 -26.92
CA ASP B 55 -14.75 -15.25 -28.01
C ASP B 55 -14.40 -16.66 -27.51
N GLY B 56 -14.09 -17.54 -28.45
CA GLY B 56 -13.90 -18.94 -28.11
C GLY B 56 -12.48 -19.37 -27.79
N ASN B 57 -11.55 -18.43 -27.62
CA ASN B 57 -10.15 -18.81 -27.47
C ASN B 57 -9.94 -19.60 -26.18
N THR B 58 -8.91 -20.45 -26.20
CA THR B 58 -8.59 -21.33 -25.09
C THR B 58 -7.10 -21.28 -24.80
N HIS B 59 -6.74 -21.63 -23.57
CA HIS B 59 -5.34 -21.76 -23.17
C HIS B 59 -5.10 -23.15 -22.59
N TYR B 60 -3.98 -23.75 -22.97
CA TYR B 60 -3.62 -25.09 -22.51
C TYR B 60 -2.21 -25.06 -21.93
N THR B 61 -1.94 -26.00 -21.02
CA THR B 61 -0.59 -26.18 -20.51
C THR B 61 0.23 -27.01 -21.48
N ASP B 62 1.55 -26.96 -21.30
CA ASP B 62 2.45 -27.63 -22.23
C ASP B 62 2.32 -29.14 -22.16
N SER B 63 1.89 -29.69 -21.02
CA SER B 63 1.87 -31.14 -20.86
C SER B 63 0.73 -31.78 -21.64
N VAL B 64 -0.35 -31.03 -21.91
CA VAL B 64 -1.54 -31.60 -22.52
C VAL B 64 -1.83 -31.00 -23.89
N LYS B 65 -0.92 -30.21 -24.43
CA LYS B 65 -1.14 -29.61 -25.74
C LYS B 65 -1.36 -30.69 -26.79
N GLY B 66 -2.47 -30.58 -27.51
CA GLY B 66 -2.81 -31.55 -28.53
C GLY B 66 -3.65 -32.69 -27.98
N ARG B 67 -3.24 -33.21 -26.82
CA ARG B 67 -3.96 -34.33 -26.22
C ARG B 67 -5.30 -33.89 -25.67
N PHE B 68 -5.33 -32.78 -24.96
CA PHE B 68 -6.57 -32.31 -24.34
C PHE B 68 -7.26 -31.29 -25.24
N THR B 69 -8.57 -31.15 -25.03
CA THR B 69 -9.37 -30.14 -25.74
C THR B 69 -10.54 -29.78 -24.86
N ILE B 70 -10.55 -28.55 -24.35
CA ILE B 70 -11.62 -28.07 -23.49
C ILE B 70 -12.71 -27.48 -24.39
N SER B 71 -13.91 -28.06 -24.31
CA SER B 71 -15.02 -27.64 -25.14
C SER B 71 -16.20 -27.26 -24.26
N ARG B 72 -17.21 -26.65 -24.90
CA ARG B 72 -18.42 -26.24 -24.22
C ARG B 72 -19.63 -26.65 -25.04
N ASP B 73 -20.73 -26.93 -24.35
CA ASP B 73 -21.94 -27.40 -25.00
C ASP B 73 -22.82 -26.22 -25.39
N ASN B 74 -23.40 -26.30 -26.59
CA ASN B 74 -24.37 -25.32 -27.06
C ASN B 74 -25.78 -25.82 -26.82
N ALA B 75 -26.64 -24.92 -26.32
CA ALA B 75 -28.02 -25.13 -25.87
C ALA B 75 -28.07 -25.79 -24.49
N GLU B 76 -26.92 -26.04 -23.85
CA GLU B 76 -26.88 -26.49 -22.47
C GLU B 76 -25.73 -25.78 -21.76
N ASN B 77 -25.85 -25.68 -20.44
CA ASN B 77 -24.82 -25.07 -19.61
C ASN B 77 -23.98 -26.19 -18.99
N THR B 78 -23.05 -26.71 -19.78
CA THR B 78 -22.20 -27.80 -19.36
C THR B 78 -20.82 -27.63 -19.99
N LEU B 79 -19.78 -27.81 -19.18
CA LEU B 79 -18.40 -27.73 -19.64
C LEU B 79 -17.85 -29.12 -19.88
N TYR B 80 -17.01 -29.27 -20.90
CA TYR B 80 -16.41 -30.55 -21.25
C TYR B 80 -14.90 -30.42 -21.33
N LEU B 81 -14.21 -31.48 -20.88
CA LEU B 81 -12.77 -31.61 -21.03
C LEU B 81 -12.50 -32.95 -21.70
N GLN B 82 -12.07 -32.90 -22.97
CA GLN B 82 -11.74 -34.10 -23.72
C GLN B 82 -10.27 -34.44 -23.49
N MET B 83 -10.02 -35.66 -23.02
CA MET B 83 -8.69 -36.08 -22.60
C MET B 83 -8.28 -37.32 -23.41
N ASN B 84 -7.43 -37.12 -24.41
CA ASN B 84 -6.96 -38.21 -25.26
C ASN B 84 -5.48 -38.48 -25.00
N SER B 85 -5.04 -39.65 -25.44
CA SER B 85 -3.66 -40.10 -25.25
C SER B 85 -3.25 -39.99 -23.78
N LEU B 86 -4.05 -40.60 -22.92
CA LEU B 86 -3.90 -40.41 -21.48
C LEU B 86 -2.63 -41.08 -20.99
N LYS B 87 -1.94 -40.41 -20.07
CA LYS B 87 -0.65 -40.85 -19.56
C LYS B 87 -0.69 -40.85 -18.03
N THR B 88 0.29 -41.54 -17.43
CA THR B 88 0.36 -41.63 -15.99
C THR B 88 0.55 -40.26 -15.34
N GLU B 89 1.14 -39.31 -16.07
CA GLU B 89 1.31 -37.96 -15.53
C GLU B 89 -0.03 -37.27 -15.32
N ASP B 90 -1.06 -37.68 -16.06
CA ASP B 90 -2.38 -37.07 -15.96
C ASP B 90 -3.15 -37.51 -14.72
N THR B 91 -2.63 -38.46 -13.95
CA THR B 91 -3.29 -38.87 -12.72
C THR B 91 -3.30 -37.73 -11.72
N ALA B 92 -4.50 -37.27 -11.38
CA ALA B 92 -4.68 -36.10 -10.52
C ALA B 92 -6.15 -36.02 -10.14
N VAL B 93 -6.52 -34.96 -9.42
CA VAL B 93 -7.92 -34.64 -9.14
C VAL B 93 -8.27 -33.37 -9.91
N TYR B 94 -9.33 -33.43 -10.71
CA TYR B 94 -9.66 -32.37 -11.65
C TYR B 94 -10.76 -31.48 -11.10
N TYR B 95 -10.42 -30.20 -10.89
CA TYR B 95 -11.37 -29.21 -10.41
C TYR B 95 -11.82 -28.30 -11.54
N CYS B 96 -13.08 -27.89 -11.47
CA CYS B 96 -13.70 -26.99 -12.43
C CYS B 96 -13.70 -25.59 -11.85
N ALA B 97 -13.10 -24.65 -12.59
CA ALA B 97 -12.97 -23.27 -12.14
C ALA B 97 -13.74 -22.35 -13.07
N ALA B 98 -14.12 -21.19 -12.56
CA ALA B 98 -14.74 -20.16 -13.37
C ALA B 98 -14.41 -18.80 -12.76
N SER B 99 -14.16 -17.83 -13.63
CA SER B 99 -13.72 -16.51 -13.23
C SER B 99 -14.59 -15.44 -13.87
N LEU B 100 -14.92 -14.43 -13.06
CA LEU B 100 -15.72 -13.29 -13.50
C LEU B 100 -14.95 -12.38 -14.45
N GLY B 101 -13.63 -12.54 -14.56
CA GLY B 101 -12.86 -11.66 -15.39
C GLY B 101 -11.50 -12.16 -15.82
N TYR B 102 -11.09 -13.31 -15.34
CA TYR B 102 -9.78 -13.84 -15.67
C TYR B 102 -9.77 -15.12 -16.45
N SER B 103 -8.97 -15.15 -17.49
CA SER B 103 -8.80 -16.31 -18.33
C SER B 103 -7.33 -16.44 -18.24
N GLY B 104 -6.84 -17.31 -17.38
CA GLY B 104 -5.42 -17.42 -17.20
C GLY B 104 -4.96 -18.62 -16.44
N ALA B 105 -3.66 -18.83 -16.46
CA ALA B 105 -3.04 -19.95 -15.79
C ALA B 105 -3.16 -19.99 -14.31
N TYR B 106 -3.03 -18.85 -13.67
CA TYR B 106 -3.07 -18.82 -12.23
C TYR B 106 -4.39 -19.21 -11.65
N ALA B 107 -4.33 -19.99 -10.59
CA ALA B 107 -5.48 -20.46 -9.85
C ALA B 107 -6.23 -19.36 -9.16
N SER B 108 -5.50 -18.36 -8.74
CA SER B 108 -5.98 -17.22 -8.00
C SER B 108 -7.02 -16.39 -8.69
N GLY B 109 -7.00 -16.35 -10.00
CA GLY B 109 -7.94 -15.53 -10.74
C GLY B 109 -9.34 -16.09 -10.89
N TYR B 110 -9.57 -17.33 -10.46
CA TYR B 110 -10.86 -17.98 -10.60
C TYR B 110 -11.58 -17.98 -9.25
N ASP B 111 -12.87 -17.63 -9.27
CA ASP B 111 -13.60 -17.29 -8.05
C ASP B 111 -14.55 -18.38 -7.57
N TYR B 112 -14.82 -19.41 -8.36
CA TYR B 112 -15.64 -20.53 -7.91
C TYR B 112 -14.97 -21.83 -8.33
N TRP B 113 -15.19 -22.87 -7.53
CA TRP B 113 -14.51 -24.14 -7.71
C TRP B 113 -15.48 -25.29 -7.44
N GLY B 114 -15.09 -26.47 -7.91
CA GLY B 114 -15.79 -27.69 -7.59
C GLY B 114 -15.06 -28.50 -6.52
N GLN B 115 -15.49 -29.76 -6.38
CA GLN B 115 -14.89 -30.60 -5.36
C GLN B 115 -14.01 -31.71 -5.92
N GLY B 116 -13.62 -31.60 -7.19
CA GLY B 116 -12.82 -32.62 -7.82
C GLY B 116 -13.63 -33.75 -8.43
N THR B 117 -12.99 -34.44 -9.38
CA THR B 117 -13.30 -35.81 -9.75
C THR B 117 -11.97 -36.52 -10.06
N GLN B 118 -11.80 -37.71 -9.50
CA GLN B 118 -10.56 -38.46 -9.60
C GLN B 118 -10.33 -38.89 -11.03
N VAL B 119 -9.12 -38.69 -11.56
CA VAL B 119 -8.69 -39.47 -12.72
C VAL B 119 -7.43 -40.23 -12.33
N THR B 120 -7.51 -41.57 -12.27
CA THR B 120 -6.35 -42.42 -12.06
C THR B 120 -6.12 -43.19 -13.35
N VAL B 121 -4.88 -43.11 -13.87
CA VAL B 121 -4.55 -43.67 -15.19
C VAL B 121 -3.49 -44.79 -14.85
N SER B 122 -4.06 -46.00 -14.46
CA SER B 122 -2.97 -46.95 -14.20
C SER B 122 -2.51 -47.90 -15.35
#